data_2Q1A
#
_entry.id   2Q1A
#
_cell.length_a   128.830
_cell.length_b   128.830
_cell.length_c   224.400
_cell.angle_alpha   90.00
_cell.angle_beta   90.00
_cell.angle_gamma   90.00
#
_symmetry.space_group_name_H-M   'I 41 2 2'
#
loop_
_entity.id
_entity.type
_entity.pdbx_description
1 polymer '2-keto-3-deoxy-D-arabinonate dehydratase'
2 non-polymer 'MAGNESIUM ION'
3 non-polymer '2-KETOBUTYRIC ACID'
4 water water
#
_entity_poly.entity_id   1
_entity_poly.type   'polypeptide(L)'
_entity_poly.pdbx_seq_one_letter_code
;MKLFRVVKRGYYISYAILDNSTIIRLDEDPIKALMRYSENKEVLGDRVTGIDYQSLLKSFQINDIRITKPIDPPEVWGSG
ISYEMARERYSEENVAKILGKTIYEKVYDAVRPEIFFKATPNRCVGHGEAIAVRSDSEWTLPEPELAVVLDSNGKILGYT
IMDDVSARDLEAENPLYLPQSKIYAGCCAFGPVIVTSDEIKNPYSLDITLKIVREGRVFFEGSVNTNKMRRKIEEQIQYL
IRDNPIPDGTILTTGTAIVPGRDKGLKDEDIVEITISNIGTLITPVKKRRKIT
;
_entity_poly.pdbx_strand_id   X
#
loop_
_chem_comp.id
_chem_comp.type
_chem_comp.name
_chem_comp.formula
2KT non-polymer '2-KETOBUTYRIC ACID' 'C4 H6 O3'
MG non-polymer 'MAGNESIUM ION' 'Mg 2'
#
# COMPACT_ATOMS: atom_id res chain seq x y z
N MET A 1 -8.70 15.77 6.21
CA MET A 1 -8.03 16.19 4.95
C MET A 1 -7.57 14.97 4.16
N LYS A 2 -7.80 14.99 2.85
CA LYS A 2 -7.33 13.93 1.97
C LYS A 2 -6.40 14.51 0.90
N LEU A 3 -5.15 14.06 0.90
CA LEU A 3 -4.13 14.55 -0.03
C LEU A 3 -4.06 13.74 -1.31
N PHE A 4 -4.00 14.42 -2.43
CA PHE A 4 -3.61 13.78 -3.68
C PHE A 4 -2.59 14.63 -4.45
N ARG A 5 -2.02 14.06 -5.51
CA ARG A 5 -1.01 14.74 -6.31
C ARG A 5 -1.19 14.43 -7.79
N VAL A 6 -1.02 15.45 -8.62
CA VAL A 6 -1.01 15.26 -10.06
C VAL A 6 0.34 15.64 -10.68
N VAL A 7 0.70 14.96 -11.76
CA VAL A 7 1.78 15.40 -12.62
C VAL A 7 1.13 16.19 -13.77
N LYS A 8 1.71 17.35 -14.08
CA LYS A 8 1.19 18.25 -15.10
C LYS A 8 2.38 18.86 -15.82
N ARG A 9 2.54 18.48 -17.08
CA ARG A 9 3.62 18.99 -17.94
C ARG A 9 4.99 18.83 -17.28
N GLY A 10 5.21 17.67 -16.68
CA GLY A 10 6.50 17.35 -16.08
C GLY A 10 6.72 17.84 -14.67
N TYR A 11 5.80 18.64 -14.13
CA TYR A 11 5.91 19.10 -12.73
C TYR A 11 4.74 18.62 -11.86
N TYR A 12 4.99 18.50 -10.56
CA TYR A 12 3.99 18.06 -9.59
C TYR A 12 3.16 19.21 -9.00
N ILE A 13 1.89 18.94 -8.70
CA ILE A 13 1.03 19.82 -7.89
C ILE A 13 0.23 19.00 -6.89
N SER A 14 0.22 19.44 -5.63
CA SER A 14 -0.53 18.75 -4.58
C SER A 14 -1.83 19.46 -4.21
N TYR A 15 -2.83 18.67 -3.80
CA TYR A 15 -4.15 19.17 -3.47
C TYR A 15 -4.71 18.44 -2.25
N ALA A 16 -5.65 19.10 -1.56
CA ALA A 16 -6.30 18.50 -0.41
C ALA A 16 -7.80 18.77 -0.42
N ILE A 17 -8.58 17.72 -0.13
CA ILE A 17 -10.03 17.84 0.03
C ILE A 17 -10.34 17.95 1.50
N LEU A 18 -11.13 18.96 1.85
CA LEU A 18 -11.63 19.12 3.21
C LEU A 18 -13.05 18.57 3.27
N ASP A 19 -13.45 18.11 4.46
CA ASP A 19 -14.74 17.43 4.66
C ASP A 19 -15.88 17.89 3.73
N ASN A 20 -16.00 19.20 3.57
CA ASN A 20 -17.07 19.82 2.77
C ASN A 20 -16.83 19.85 1.24
N SER A 21 -16.07 18.88 0.73
CA SER A 21 -15.83 18.72 -0.72
C SER A 21 -15.08 19.89 -1.40
N THR A 22 -14.52 20.80 -0.62
CA THR A 22 -13.75 21.93 -1.18
C THR A 22 -12.27 21.54 -1.38
N ILE A 23 -11.73 21.92 -2.53
CA ILE A 23 -10.36 21.57 -2.90
C ILE A 23 -9.39 22.73 -2.62
N ILE A 24 -8.29 22.41 -1.94
CA ILE A 24 -7.24 23.38 -1.66
C ILE A 24 -5.94 23.00 -2.38
N ARG A 25 -5.39 23.91 -3.17
CA ARG A 25 -4.07 23.74 -3.75
C ARG A 25 -2.99 24.09 -2.71
N LEU A 26 -2.05 23.17 -2.50
CA LEU A 26 -1.08 23.31 -1.40
C LEU A 26 0.11 24.21 -1.74
N ASP A 27 0.53 24.98 -0.73
CA ASP A 27 1.71 25.83 -0.82
C ASP A 27 2.99 25.04 -0.57
N GLU A 28 2.93 24.12 0.39
CA GLU A 28 4.09 23.38 0.87
C GLU A 28 4.24 22.03 0.18
N ASP A 29 5.40 21.41 0.36
CA ASP A 29 5.65 20.02 0.01
C ASP A 29 4.64 19.14 0.78
N PRO A 30 4.06 18.11 0.10
CA PRO A 30 3.00 17.31 0.71
C PRO A 30 3.40 16.60 2.01
N ILE A 31 4.64 16.12 2.09
CA ILE A 31 5.17 15.57 3.35
C ILE A 31 5.22 16.64 4.45
N LYS A 32 5.71 17.84 4.13
CA LYS A 32 5.69 18.98 5.07
C LYS A 32 4.27 19.31 5.49
N ALA A 33 3.34 19.29 4.54
CA ALA A 33 1.93 19.57 4.81
C ALA A 33 1.34 18.56 5.80
N LEU A 34 1.67 17.28 5.64
CA LEU A 34 1.20 16.24 6.54
C LEU A 34 1.72 16.40 7.96
N MET A 35 2.98 16.83 8.07
CA MET A 35 3.62 17.10 9.36
C MET A 35 2.97 18.27 10.10
N ARG A 36 2.64 19.32 9.35
CA ARG A 36 1.99 20.50 9.91
C ARG A 36 0.58 20.17 10.40
N TYR A 37 -0.21 19.46 9.58
CA TYR A 37 -1.57 19.09 9.96
C TYR A 37 -1.57 18.24 11.21
N SER A 38 -0.57 17.37 11.31
CA SER A 38 -0.36 16.53 12.48
C SER A 38 -0.25 17.33 13.78
N GLU A 39 0.28 18.55 13.68
CA GLU A 39 0.46 19.44 14.84
C GLU A 39 -0.80 20.19 15.23
N ASN A 40 -1.23 21.10 14.36
CA ASN A 40 -2.30 22.05 14.68
C ASN A 40 -3.45 22.06 13.68
N LYS A 41 -3.42 21.14 12.72
CA LYS A 41 -4.44 21.04 11.67
C LYS A 41 -4.43 22.22 10.69
N GLU A 42 -3.33 22.96 10.65
CA GLU A 42 -3.19 24.07 9.70
C GLU A 42 -2.82 23.58 8.30
N VAL A 43 -3.47 24.16 7.30
CA VAL A 43 -3.25 23.83 5.89
C VAL A 43 -2.96 25.12 5.11
N LEU A 44 -1.82 25.16 4.42
CA LEU A 44 -1.43 26.35 3.67
C LEU A 44 -1.72 26.22 2.17
N GLY A 45 -2.55 27.12 1.66
CA GLY A 45 -2.91 27.14 0.24
C GLY A 45 -4.15 27.94 -0.11
N ASP A 46 -4.60 27.78 -1.36
CA ASP A 46 -5.76 28.49 -1.90
C ASP A 46 -6.85 27.52 -2.33
N ARG A 47 -8.11 27.90 -2.09
CA ARG A 47 -9.24 27.13 -2.58
C ARG A 47 -9.31 27.25 -4.10
N VAL A 48 -9.46 26.11 -4.77
CA VAL A 48 -9.57 26.07 -6.22
C VAL A 48 -10.90 25.50 -6.69
N THR A 49 -11.33 25.95 -7.87
CA THR A 49 -12.46 25.37 -8.58
C THR A 49 -11.92 24.84 -9.91
N GLY A 50 -12.61 23.87 -10.50
CA GLY A 50 -12.19 23.33 -11.78
C GLY A 50 -11.21 22.19 -11.70
N ILE A 51 -10.96 21.72 -10.48
CA ILE A 51 -10.21 20.48 -10.26
C ILE A 51 -11.23 19.43 -9.86
N ASP A 52 -11.55 18.55 -10.79
CA ASP A 52 -12.62 17.57 -10.62
C ASP A 52 -12.07 16.25 -10.04
N TYR A 53 -12.04 16.21 -8.71
CA TYR A 53 -11.45 15.10 -7.96
C TYR A 53 -12.11 13.76 -8.29
N GLN A 54 -13.44 13.75 -8.31
CA GLN A 54 -14.22 12.54 -8.61
C GLN A 54 -13.93 11.99 -10.01
N SER A 55 -13.76 12.88 -10.98
CA SER A 55 -13.37 12.48 -12.33
C SER A 55 -11.95 11.96 -12.39
N LEU A 56 -11.06 12.51 -11.58
CA LEU A 56 -9.69 12.02 -11.49
C LEU A 56 -9.64 10.59 -11.00
N LEU A 57 -10.43 10.30 -9.97
CA LEU A 57 -10.56 8.96 -9.43
C LEU A 57 -11.01 7.94 -10.46
N LYS A 58 -11.98 8.34 -11.29
CA LYS A 58 -12.54 7.46 -12.32
C LYS A 58 -11.68 7.37 -13.58
N SER A 59 -11.19 8.52 -14.05
CA SER A 59 -10.59 8.60 -15.38
C SER A 59 -9.07 8.79 -15.41
N PHE A 60 -8.48 9.05 -14.24
CA PHE A 60 -7.02 9.22 -14.07
C PHE A 60 -6.48 10.53 -14.68
N GLN A 61 -6.96 10.88 -15.88
CA GLN A 61 -6.55 12.09 -16.58
C GLN A 61 -7.74 12.95 -16.97
N ILE A 62 -7.61 14.26 -16.80
CA ILE A 62 -8.53 15.24 -17.38
C ILE A 62 -7.67 16.38 -17.87
N ASN A 63 -7.89 16.77 -19.13
CA ASN A 63 -7.07 17.80 -19.77
C ASN A 63 -5.60 17.42 -19.64
N ASP A 64 -4.80 18.31 -19.04
CA ASP A 64 -3.38 18.04 -18.91
C ASP A 64 -2.89 17.73 -17.48
N ILE A 65 -3.81 17.28 -16.63
CA ILE A 65 -3.43 16.77 -15.29
C ILE A 65 -3.71 15.27 -15.13
N ARG A 66 -2.76 14.57 -14.52
CA ARG A 66 -2.89 13.14 -14.26
C ARG A 66 -2.56 12.83 -12.80
N ILE A 67 -3.46 12.12 -12.13
CA ILE A 67 -3.21 11.68 -10.76
C ILE A 67 -2.08 10.64 -10.70
N THR A 68 -1.34 10.64 -9.60
CA THR A 68 -0.20 9.72 -9.42
C THR A 68 -0.02 9.44 -7.93
N LYS A 69 1.15 8.91 -7.54
CA LYS A 69 1.50 8.75 -6.12
C LYS A 69 1.30 10.06 -5.38
N PRO A 70 0.56 10.03 -4.26
CA PRO A 70 0.33 11.27 -3.52
C PRO A 70 1.60 11.89 -2.86
N ILE A 71 2.61 11.07 -2.58
CA ILE A 71 3.92 11.55 -2.10
C ILE A 71 5.04 10.70 -2.68
N ASP A 72 6.28 11.17 -2.53
CA ASP A 72 7.45 10.31 -2.72
C ASP A 72 7.93 9.80 -1.37
N PRO A 73 7.63 8.55 -1.02
CA PRO A 73 8.09 8.05 0.28
C PRO A 73 9.56 7.69 0.19
N PRO A 74 10.42 8.29 1.04
CA PRO A 74 11.85 8.06 0.90
C PRO A 74 12.18 6.57 1.06
N GLU A 75 11.40 5.91 1.91
CA GLU A 75 11.52 4.47 2.14
C GLU A 75 10.12 3.85 2.31
N VAL A 76 9.98 2.58 1.91
CA VAL A 76 8.77 1.81 2.19
C VAL A 76 9.16 0.50 2.87
N TRP A 77 8.51 0.21 4.00
CA TRP A 77 8.75 -1.05 4.71
C TRP A 77 7.46 -1.84 4.88
N GLY A 78 7.60 -3.15 4.92
CA GLY A 78 6.48 -4.06 5.12
C GLY A 78 6.52 -4.82 6.42
N SER A 79 5.35 -5.24 6.86
CA SER A 79 5.21 -6.10 8.01
C SER A 79 4.57 -7.40 7.54
N GLY A 80 4.93 -8.51 8.17
CA GLY A 80 4.45 -9.82 7.73
C GLY A 80 3.69 -10.60 8.77
N ILE A 81 2.71 -11.38 8.30
CA ILE A 81 1.95 -12.33 9.12
C ILE A 81 1.30 -11.67 10.34
N SER A 82 0.42 -10.70 10.08
CA SER A 82 -0.24 -9.93 11.14
C SER A 82 -1.72 -10.26 11.32
N TYR A 83 -2.19 -11.30 10.61
CA TYR A 83 -3.56 -11.77 10.72
C TYR A 83 -3.61 -13.24 11.10
N GLU A 84 -4.72 -13.66 11.73
CA GLU A 84 -4.88 -15.04 12.22
C GLU A 84 -4.63 -16.10 11.13
N MET A 85 -5.24 -15.90 9.97
CA MET A 85 -5.16 -16.86 8.87
C MET A 85 -3.77 -16.92 8.22
N ALA A 86 -3.00 -15.86 8.40
CA ALA A 86 -1.69 -15.70 7.78
C ALA A 86 -0.65 -16.76 8.19
N ARG A 87 -0.93 -17.51 9.25
CA ARG A 87 -0.12 -18.69 9.61
C ARG A 87 -0.06 -19.65 8.44
N GLU A 88 -1.19 -19.76 7.73
CA GLU A 88 -1.37 -20.68 6.61
C GLU A 88 -0.87 -20.14 5.27
N ARG A 89 -0.24 -18.95 5.30
CA ARG A 89 0.42 -18.40 4.09
C ARG A 89 1.41 -19.44 3.56
N TYR A 90 0.98 -20.15 2.53
CA TYR A 90 1.64 -21.36 2.01
C TYR A 90 1.70 -22.48 3.07
N SER A 91 0.65 -23.30 3.08
CA SER A 91 0.52 -24.42 4.03
C SER A 91 1.17 -25.69 3.51
N GLU A 92 1.20 -25.83 2.19
CA GLU A 92 1.71 -27.02 1.52
C GLU A 92 3.15 -27.37 1.94
N GLU A 93 3.42 -28.66 2.10
CA GLU A 93 4.78 -29.16 2.36
C GLU A 93 5.79 -28.60 1.37
N ASN A 94 7.05 -28.57 1.79
CA ASN A 94 8.13 -27.86 1.10
C ASN A 94 8.47 -26.53 1.77
N VAL A 95 7.57 -26.07 2.65
CA VAL A 95 7.83 -24.89 3.48
C VAL A 95 9.00 -25.10 4.42
N ALA A 96 9.74 -24.02 4.68
CA ALA A 96 10.82 -24.03 5.64
C ALA A 96 10.24 -24.13 7.04
N LYS A 97 10.82 -25.01 7.86
CA LYS A 97 10.34 -25.20 9.23
C LYS A 97 11.43 -25.31 10.30
N ILE A 98 11.14 -24.74 11.46
CA ILE A 98 12.01 -24.80 12.64
C ILE A 98 11.46 -25.86 13.58
N LEU A 99 12.14 -27.01 13.65
CA LEU A 99 11.72 -28.18 14.43
C LEU A 99 10.23 -28.52 14.26
N GLY A 100 9.82 -28.77 13.02
CA GLY A 100 8.44 -29.20 12.72
C GLY A 100 7.44 -28.09 12.50
N LYS A 101 7.71 -26.92 13.07
CA LYS A 101 6.85 -25.75 12.96
C LYS A 101 7.37 -24.82 11.85
N THR A 102 6.49 -24.35 10.98
CA THR A 102 6.89 -23.51 9.85
C THR A 102 7.32 -22.10 10.28
N ILE A 103 8.19 -21.49 9.49
CA ILE A 103 8.71 -20.14 9.74
C ILE A 103 7.60 -19.09 9.96
N TYR A 104 6.53 -19.18 9.17
CA TYR A 104 5.39 -18.27 9.26
C TYR A 104 4.58 -18.55 10.52
N GLU A 105 4.44 -19.82 10.85
CA GLU A 105 3.74 -20.29 12.04
C GLU A 105 4.45 -19.75 13.29
N LYS A 106 5.77 -19.91 13.31
CA LYS A 106 6.63 -19.45 14.40
C LYS A 106 6.57 -17.93 14.63
N VAL A 107 6.68 -17.15 13.55
CA VAL A 107 6.71 -15.68 13.62
C VAL A 107 5.35 -15.06 14.01
N TYR A 108 4.26 -15.76 13.73
CA TYR A 108 2.92 -15.31 14.10
C TYR A 108 2.77 -15.16 15.61
N ASP A 109 3.35 -16.09 16.36
CA ASP A 109 3.29 -16.08 17.83
C ASP A 109 4.41 -15.26 18.49
N ALA A 110 5.63 -15.36 17.93
CA ALA A 110 6.84 -14.80 18.52
C ALA A 110 6.72 -13.33 18.91
N VAL A 111 7.40 -12.96 20.00
CA VAL A 111 7.42 -11.57 20.49
C VAL A 111 7.81 -10.60 19.37
N ARG A 112 8.83 -10.96 18.61
CA ARG A 112 9.33 -10.16 17.50
C ARG A 112 8.55 -10.41 16.21
N PRO A 113 7.90 -9.36 15.66
CA PRO A 113 7.18 -9.46 14.39
C PRO A 113 8.13 -9.45 13.20
N GLU A 114 7.61 -9.80 12.02
CA GLU A 114 8.38 -9.73 10.80
C GLU A 114 8.32 -8.30 10.24
N ILE A 115 9.49 -7.79 9.88
CA ILE A 115 9.63 -6.48 9.25
C ILE A 115 10.68 -6.66 8.13
N PHE A 116 10.34 -6.18 6.93
CA PHE A 116 11.24 -6.27 5.79
C PHE A 116 11.27 -4.96 5.01
N PHE A 117 12.31 -4.75 4.21
CA PHE A 117 12.40 -3.58 3.33
C PHE A 117 11.62 -3.85 2.05
N LYS A 118 10.72 -2.93 1.70
CA LYS A 118 9.81 -3.14 0.58
C LYS A 118 10.21 -2.43 -0.72
N ALA A 119 10.44 -1.12 -0.65
CA ALA A 119 10.69 -0.33 -1.86
C ALA A 119 11.35 1.03 -1.61
N THR A 120 12.06 1.51 -2.63
CA THR A 120 12.46 2.90 -2.78
C THR A 120 11.38 3.61 -3.61
N PRO A 121 11.27 4.96 -3.51
CA PRO A 121 10.21 5.70 -4.20
C PRO A 121 10.10 5.41 -5.71
N ASN A 122 11.24 5.34 -6.39
CA ASN A 122 11.24 5.10 -7.83
C ASN A 122 10.74 3.69 -8.21
N ARG A 123 10.66 2.79 -7.23
CA ARG A 123 10.13 1.44 -7.42
C ARG A 123 8.62 1.38 -7.15
N CYS A 124 8.04 2.52 -6.72
CA CYS A 124 6.61 2.62 -6.43
C CYS A 124 5.81 3.24 -7.60
N VAL A 125 4.54 2.83 -7.72
CA VAL A 125 3.58 3.48 -8.64
C VAL A 125 2.29 3.89 -7.90
N GLY A 126 1.44 4.67 -8.56
CA GLY A 126 0.18 5.12 -7.96
C GLY A 126 -1.09 4.73 -8.71
N HIS A 127 -2.21 5.30 -8.26
CA HIS A 127 -3.52 5.15 -8.90
C HIS A 127 -3.42 5.33 -10.42
N GLY A 128 -3.88 4.32 -11.15
CA GLY A 128 -3.95 4.38 -12.62
C GLY A 128 -2.68 4.01 -13.35
N GLU A 129 -1.63 3.64 -12.60
CA GLU A 129 -0.36 3.27 -13.20
C GLU A 129 -0.16 1.76 -13.10
N ALA A 130 0.73 1.23 -13.92
CA ALA A 130 0.94 -0.21 -13.97
C ALA A 130 1.84 -0.75 -12.87
N ILE A 131 1.32 -1.70 -12.09
CA ILE A 131 2.16 -2.59 -11.27
C ILE A 131 2.75 -3.68 -12.17
N ALA A 132 3.71 -4.44 -11.65
CA ALA A 132 4.45 -5.35 -12.51
C ALA A 132 4.64 -6.73 -11.91
N VAL A 133 4.73 -7.71 -12.82
CA VAL A 133 4.96 -9.11 -12.50
C VAL A 133 6.34 -9.40 -13.05
N ARG A 134 7.23 -9.93 -12.21
CA ARG A 134 8.60 -10.26 -12.61
C ARG A 134 8.62 -11.19 -13.83
N SER A 135 9.62 -11.00 -14.69
CA SER A 135 9.78 -11.82 -15.89
C SER A 135 9.91 -13.31 -15.58
N ASP A 136 10.55 -13.62 -14.45
CA ASP A 136 10.80 -15.00 -14.02
C ASP A 136 9.86 -15.45 -12.91
N SER A 137 8.68 -14.86 -12.82
CA SER A 137 7.69 -15.32 -11.85
C SER A 137 6.51 -15.99 -12.55
N GLU A 138 6.12 -17.16 -12.05
CA GLU A 138 4.99 -17.91 -12.58
C GLU A 138 3.76 -17.76 -11.68
N TRP A 139 3.93 -17.08 -10.54
CA TRP A 139 2.85 -16.92 -9.57
C TRP A 139 3.00 -15.67 -8.69
N THR A 140 2.45 -14.56 -9.17
CA THR A 140 2.51 -13.28 -8.47
C THR A 140 1.13 -12.84 -8.02
N LEU A 141 1.02 -12.46 -6.75
CA LEU A 141 -0.26 -12.06 -6.16
C LEU A 141 -0.21 -10.65 -5.57
N PRO A 142 -1.31 -9.89 -5.71
CA PRO A 142 -1.34 -8.59 -5.03
C PRO A 142 -1.73 -8.78 -3.56
N GLU A 143 -1.13 -8.00 -2.68
CA GLU A 143 -1.47 -8.07 -1.26
C GLU A 143 -2.12 -6.77 -0.79
N PRO A 144 -3.46 -6.78 -0.61
CA PRO A 144 -4.19 -5.59 -0.17
C PRO A 144 -3.89 -5.30 1.29
N GLU A 145 -3.35 -4.11 1.56
CA GLU A 145 -2.89 -3.79 2.91
C GLU A 145 -3.20 -2.34 3.29
N LEU A 146 -3.51 -2.13 4.57
CA LEU A 146 -3.54 -0.79 5.13
C LEU A 146 -2.11 -0.35 5.45
N ALA A 147 -1.78 0.88 5.07
CA ALA A 147 -0.44 1.40 5.27
C ALA A 147 -0.47 2.76 5.96
N VAL A 148 0.51 2.97 6.85
CA VAL A 148 0.63 4.24 7.54
C VAL A 148 1.77 5.09 6.96
N VAL A 149 1.55 6.40 6.93
CA VAL A 149 2.65 7.35 6.67
C VAL A 149 3.17 7.82 8.02
N LEU A 150 4.50 7.79 8.17
CA LEU A 150 5.15 8.11 9.46
C LEU A 150 6.11 9.30 9.38
N ASP A 151 6.31 9.99 10.50
CA ASP A 151 7.46 10.90 10.65
C ASP A 151 8.66 10.16 11.26
N SER A 152 9.77 10.88 11.48
CA SER A 152 11.02 10.26 11.93
C SER A 152 10.97 9.67 13.34
N ASN A 153 9.98 10.07 14.13
CA ASN A 153 9.80 9.51 15.48
C ASN A 153 8.86 8.32 15.50
N GLY A 154 8.23 8.02 14.36
CA GLY A 154 7.32 6.88 14.27
C GLY A 154 5.88 7.25 14.54
N LYS A 155 5.58 8.55 14.46
CA LYS A 155 4.23 9.05 14.65
C LYS A 155 3.42 8.93 13.35
N ILE A 156 2.18 8.46 13.46
CA ILE A 156 1.30 8.26 12.30
C ILE A 156 0.78 9.59 11.74
N LEU A 157 1.21 9.91 10.52
CA LEU A 157 0.80 11.15 9.86
C LEU A 157 -0.43 10.95 9.00
N GLY A 158 -0.72 9.70 8.65
CA GLY A 158 -1.88 9.39 7.84
C GLY A 158 -1.99 7.93 7.43
N TYR A 159 -3.04 7.61 6.69
CA TYR A 159 -3.32 6.25 6.22
C TYR A 159 -3.53 6.24 4.72
N THR A 160 -3.27 5.10 4.10
CA THR A 160 -3.45 4.92 2.67
C THR A 160 -3.59 3.42 2.32
N ILE A 161 -3.95 3.13 1.07
CA ILE A 161 -4.05 1.77 0.57
C ILE A 161 -2.72 1.39 -0.09
N MET A 162 -2.16 0.24 0.27
CA MET A 162 -0.99 -0.26 -0.43
C MET A 162 -1.20 -1.66 -0.99
N ASP A 163 -0.56 -1.89 -2.12
CA ASP A 163 -0.48 -3.19 -2.74
C ASP A 163 0.96 -3.73 -2.61
N ASP A 164 1.17 -4.65 -1.68
CA ASP A 164 2.44 -5.33 -1.54
C ASP A 164 2.56 -6.45 -2.58
N VAL A 165 2.89 -6.08 -3.81
CA VAL A 165 3.01 -7.03 -4.92
C VAL A 165 4.11 -8.06 -4.62
N SER A 166 3.75 -9.35 -4.65
CA SER A 166 4.69 -10.41 -4.25
C SER A 166 4.79 -11.57 -5.26
N ALA A 167 6.01 -11.84 -5.72
CA ALA A 167 6.31 -13.07 -6.49
C ALA A 167 6.30 -14.28 -5.55
N ARG A 168 5.10 -14.74 -5.23
CA ARG A 168 4.87 -15.82 -4.26
C ARG A 168 5.59 -17.14 -4.58
N ASP A 169 5.76 -17.45 -5.86
CA ASP A 169 6.45 -18.68 -6.23
C ASP A 169 7.92 -18.68 -5.81
N LEU A 170 8.57 -17.52 -5.94
CA LEU A 170 9.99 -17.38 -5.57
C LEU A 170 10.20 -17.49 -4.06
N GLU A 171 9.31 -16.86 -3.29
CA GLU A 171 9.32 -16.97 -1.84
C GLU A 171 9.16 -18.43 -1.39
N ALA A 172 8.28 -19.16 -2.06
CA ALA A 172 7.99 -20.56 -1.74
C ALA A 172 9.17 -21.48 -1.99
N GLU A 173 9.90 -21.26 -3.08
CA GLU A 173 11.08 -22.05 -3.42
C GLU A 173 12.14 -22.01 -2.31
N ASN A 174 12.25 -20.86 -1.65
CA ASN A 174 13.23 -20.62 -0.58
C ASN A 174 12.98 -19.25 0.05
N PRO A 175 12.78 -19.20 1.39
CA PRO A 175 12.55 -17.92 2.06
C PRO A 175 13.72 -16.92 1.92
N LEU A 176 14.88 -17.40 1.46
CA LEU A 176 16.02 -16.53 1.20
C LEU A 176 15.85 -15.72 -0.07
N TYR A 177 14.86 -16.09 -0.87
CA TYR A 177 14.55 -15.37 -2.11
C TYR A 177 13.54 -14.23 -1.89
N LEU A 178 13.10 -14.07 -0.65
CA LEU A 178 12.08 -13.07 -0.31
C LEU A 178 12.35 -11.64 -0.82
N PRO A 179 13.59 -11.12 -0.66
CA PRO A 179 13.87 -9.78 -1.20
C PRO A 179 13.72 -9.67 -2.73
N GLN A 180 14.11 -10.71 -3.47
CA GLN A 180 13.90 -10.74 -4.92
C GLN A 180 12.41 -10.80 -5.27
N SER A 181 11.64 -11.46 -4.41
CA SER A 181 10.21 -11.64 -4.61
C SER A 181 9.43 -10.36 -4.32
N LYS A 182 10.05 -9.44 -3.58
CA LYS A 182 9.37 -8.26 -3.02
C LYS A 182 9.81 -6.90 -3.59
N ILE A 183 11.04 -6.82 -4.09
CA ILE A 183 11.68 -5.53 -4.42
C ILE A 183 12.13 -5.50 -5.87
N TYR A 184 11.44 -4.67 -6.66
CA TYR A 184 11.70 -4.53 -8.10
C TYR A 184 10.84 -3.41 -8.67
N ALA A 185 11.10 -3.04 -9.92
CA ALA A 185 10.31 -2.00 -10.59
C ALA A 185 8.82 -2.34 -10.65
N GLY A 186 8.00 -1.55 -9.97
CA GLY A 186 6.56 -1.75 -9.97
C GLY A 186 6.08 -2.80 -8.97
N CYS A 187 6.89 -3.06 -7.95
CA CYS A 187 6.57 -4.05 -6.92
C CYS A 187 5.60 -3.53 -5.88
N CYS A 188 5.18 -2.28 -6.04
CA CYS A 188 4.45 -1.58 -4.99
C CYS A 188 3.60 -0.42 -5.52
N ALA A 189 2.34 -0.34 -5.07
CA ALA A 189 1.45 0.76 -5.44
C ALA A 189 0.69 1.25 -4.23
N PHE A 190 0.37 2.54 -4.21
CA PHE A 190 -0.40 3.12 -3.10
C PHE A 190 -1.17 4.38 -3.49
N GLY A 191 -2.20 4.69 -2.70
CA GLY A 191 -3.08 5.82 -2.97
C GLY A 191 -4.55 5.43 -2.85
N PRO A 192 -5.44 6.15 -3.56
CA PRO A 192 -5.15 7.30 -4.42
C PRO A 192 -4.92 8.57 -3.60
N VAL A 193 -5.30 8.51 -2.33
CA VAL A 193 -5.06 9.61 -1.40
C VAL A 193 -4.30 9.15 -0.16
N ILE A 194 -3.80 10.12 0.60
CA ILE A 194 -3.40 9.89 1.98
C ILE A 194 -4.43 10.62 2.83
N VAL A 195 -5.03 9.92 3.77
CA VAL A 195 -6.00 10.56 4.66
C VAL A 195 -5.32 10.89 5.99
N THR A 196 -5.60 12.08 6.52
CA THR A 196 -5.05 12.50 7.80
C THR A 196 -5.59 11.61 8.91
N SER A 197 -4.88 11.57 10.03
CA SER A 197 -5.19 10.66 11.14
C SER A 197 -6.62 10.79 11.69
N ASP A 198 -7.15 12.01 11.70
CA ASP A 198 -8.51 12.27 12.20
C ASP A 198 -9.62 11.79 11.27
N GLU A 199 -9.25 11.41 10.04
CA GLU A 199 -10.22 10.91 9.06
C GLU A 199 -10.60 9.45 9.35
N ILE A 200 -9.89 8.83 10.28
CA ILE A 200 -10.17 7.44 10.67
C ILE A 200 -10.27 7.32 12.19
N LYS A 201 -11.49 7.12 12.67
CA LYS A 201 -11.76 6.97 14.10
C LYS A 201 -11.09 5.74 14.69
N ASN A 202 -11.30 4.59 14.05
CA ASN A 202 -10.68 3.34 14.48
C ASN A 202 -10.09 2.58 13.30
N PRO A 203 -8.75 2.53 13.23
CA PRO A 203 -8.03 1.79 12.18
C PRO A 203 -8.32 0.28 12.23
N TYR A 204 -8.83 -0.19 13.37
CA TYR A 204 -9.13 -1.60 13.56
C TYR A 204 -10.60 -1.93 13.29
N SER A 205 -11.23 -1.11 12.44
CA SER A 205 -12.63 -1.29 12.06
C SER A 205 -12.91 -0.75 10.65
N LEU A 206 -12.18 -1.27 9.67
CA LEU A 206 -12.29 -0.87 8.28
C LEU A 206 -12.35 -2.10 7.38
N ASP A 207 -13.17 -2.02 6.32
CA ASP A 207 -13.28 -3.10 5.36
C ASP A 207 -12.25 -2.97 4.24
N ILE A 208 -11.49 -4.03 4.02
CA ILE A 208 -10.52 -4.09 2.93
C ILE A 208 -11.04 -5.08 1.90
N THR A 209 -11.16 -4.64 0.64
CA THR A 209 -11.71 -5.48 -0.42
C THR A 209 -10.74 -5.57 -1.60
N LEU A 210 -10.48 -6.79 -2.05
CA LEU A 210 -9.67 -7.04 -3.24
C LEU A 210 -10.49 -7.66 -4.38
N LYS A 211 -10.40 -7.05 -5.56
CA LYS A 211 -10.95 -7.61 -6.79
C LYS A 211 -9.87 -7.62 -7.87
N ILE A 212 -9.74 -8.75 -8.55
CA ILE A 212 -8.90 -8.83 -9.75
C ILE A 212 -9.82 -8.98 -10.97
N VAL A 213 -9.62 -8.12 -11.97
CA VAL A 213 -10.48 -8.09 -13.14
C VAL A 213 -9.71 -8.49 -14.39
N ARG A 214 -10.19 -9.55 -15.05
CA ARG A 214 -9.58 -10.07 -16.28
C ARG A 214 -10.58 -10.00 -17.42
N GLU A 215 -10.31 -9.14 -18.39
CA GLU A 215 -11.18 -8.93 -19.55
C GLU A 215 -12.66 -8.73 -19.17
N GLY A 216 -12.91 -7.82 -18.22
CA GLY A 216 -14.26 -7.53 -17.73
C GLY A 216 -14.74 -8.48 -16.65
N ARG A 217 -14.04 -9.61 -16.51
CA ARG A 217 -14.42 -10.70 -15.62
C ARG A 217 -13.85 -10.52 -14.21
N VAL A 218 -14.68 -10.71 -13.19
CA VAL A 218 -14.23 -10.75 -11.81
C VAL A 218 -13.54 -12.09 -11.54
N PHE A 219 -12.23 -12.11 -11.70
CA PHE A 219 -11.41 -13.31 -11.54
C PHE A 219 -11.23 -13.72 -10.08
N PHE A 220 -11.33 -12.75 -9.17
CA PHE A 220 -11.26 -12.98 -7.72
C PHE A 220 -11.97 -11.86 -6.98
N GLU A 221 -12.63 -12.20 -5.87
CA GLU A 221 -13.23 -11.22 -4.98
C GLU A 221 -13.10 -11.68 -3.53
N GLY A 222 -12.50 -10.83 -2.69
CA GLY A 222 -12.26 -11.17 -1.29
C GLY A 222 -12.30 -9.96 -0.38
N SER A 223 -12.79 -10.16 0.85
CA SER A 223 -12.90 -9.07 1.80
C SER A 223 -12.66 -9.50 3.25
N VAL A 224 -11.78 -8.76 3.93
CA VAL A 224 -11.51 -8.96 5.37
C VAL A 224 -11.53 -7.61 6.10
N ASN A 225 -12.05 -7.61 7.33
CA ASN A 225 -12.06 -6.42 8.16
C ASN A 225 -10.84 -6.36 9.09
N THR A 226 -10.41 -5.14 9.40
CA THR A 226 -9.19 -4.90 10.18
C THR A 226 -9.33 -5.26 11.66
N ASN A 227 -10.55 -5.54 12.10
CA ASN A 227 -10.77 -6.07 13.45
C ASN A 227 -10.21 -7.49 13.62
N LYS A 228 -9.69 -8.05 12.53
CA LYS A 228 -9.09 -9.38 12.55
C LYS A 228 -7.56 -9.35 12.64
N MET A 229 -6.99 -8.14 12.65
CA MET A 229 -5.55 -7.94 12.78
C MET A 229 -5.12 -8.24 14.22
N ARG A 230 -4.22 -9.20 14.39
CA ARG A 230 -3.79 -9.64 15.73
C ARG A 230 -2.50 -8.98 16.23
N ARG A 231 -1.71 -8.44 15.32
CA ARG A 231 -0.51 -7.70 15.67
C ARG A 231 -0.76 -6.21 15.44
N LYS A 232 -0.84 -5.45 16.52
CA LYS A 232 -1.17 -4.02 16.41
C LYS A 232 -0.10 -3.20 15.70
N ILE A 233 -0.52 -2.09 15.10
CA ILE A 233 0.35 -1.26 14.25
C ILE A 233 1.49 -0.60 15.03
N GLU A 234 1.18 -0.10 16.23
CA GLU A 234 2.17 0.53 17.12
C GLU A 234 3.35 -0.38 17.45
N GLU A 235 3.12 -1.68 17.55
CA GLU A 235 4.18 -2.65 17.82
C GLU A 235 5.05 -2.85 16.59
N GLN A 236 4.41 -2.81 15.42
CA GLN A 236 5.11 -2.89 14.14
C GLN A 236 6.03 -1.69 13.96
N ILE A 237 5.50 -0.50 14.27
CA ILE A 237 6.27 0.74 14.24
C ILE A 237 7.45 0.65 15.20
N GLN A 238 7.19 0.16 16.41
CA GLN A 238 8.19 0.02 17.46
C GLN A 238 9.42 -0.75 16.98
N TYR A 239 9.19 -1.88 16.32
CA TYR A 239 10.28 -2.74 15.88
C TYR A 239 11.00 -2.20 14.64
N LEU A 240 10.25 -1.47 13.81
CA LEU A 240 10.80 -0.86 12.60
C LEU A 240 11.85 0.21 12.91
N ILE A 241 11.56 1.07 13.89
CA ILE A 241 12.42 2.21 14.21
C ILE A 241 13.55 1.93 15.21
N ARG A 242 13.49 0.77 15.88
CA ARG A 242 14.52 0.37 16.85
C ARG A 242 15.90 0.32 16.20
N ASP A 243 16.80 1.20 16.67
CA ASP A 243 18.16 1.33 16.13
C ASP A 243 18.20 1.61 14.63
N ASN A 244 17.11 2.20 14.11
CA ASN A 244 16.90 2.29 12.68
C ASN A 244 16.18 3.58 12.32
N PRO A 245 16.95 4.63 11.98
CA PRO A 245 16.35 5.90 11.62
C PRO A 245 15.59 5.79 10.31
N ILE A 246 14.37 6.34 10.29
CA ILE A 246 13.55 6.42 9.09
C ILE A 246 13.27 7.89 8.81
N PRO A 247 13.40 8.31 7.54
CA PRO A 247 13.12 9.72 7.23
C PRO A 247 11.62 10.08 7.30
N ASP A 248 11.32 11.37 7.43
CA ASP A 248 9.93 11.85 7.37
C ASP A 248 9.26 11.41 6.08
N GLY A 249 8.08 10.83 6.20
CA GLY A 249 7.28 10.45 5.05
C GLY A 249 7.44 8.99 4.65
N THR A 250 8.20 8.25 5.47
CA THR A 250 8.31 6.79 5.34
C THR A 250 6.91 6.13 5.42
N ILE A 251 6.72 5.07 4.64
CA ILE A 251 5.48 4.31 4.69
C ILE A 251 5.74 2.90 5.23
N LEU A 252 4.92 2.52 6.21
CA LEU A 252 4.86 1.14 6.68
C LEU A 252 3.55 0.49 6.24
N THR A 253 3.67 -0.63 5.53
CA THR A 253 2.50 -1.41 5.15
C THR A 253 2.30 -2.59 6.10
N THR A 254 1.09 -2.72 6.64
CA THR A 254 0.84 -3.51 7.86
C THR A 254 0.52 -5.00 7.70
N GLY A 255 0.67 -5.56 6.50
CA GLY A 255 0.39 -6.98 6.28
C GLY A 255 -0.99 -7.26 5.70
N THR A 256 -1.12 -8.35 4.95
CA THR A 256 -2.38 -8.71 4.28
C THR A 256 -3.15 -9.86 4.94
N ALA A 257 -4.45 -9.88 4.71
CA ALA A 257 -5.32 -10.98 5.16
C ALA A 257 -6.01 -11.69 3.99
N ILE A 258 -5.92 -11.12 2.79
CA ILE A 258 -6.57 -11.67 1.61
C ILE A 258 -5.56 -12.32 0.68
N VAL A 259 -5.59 -13.64 0.62
CA VAL A 259 -4.65 -14.43 -0.16
C VAL A 259 -5.41 -15.32 -1.16
N PRO A 260 -5.46 -14.90 -2.44
CA PRO A 260 -5.97 -15.74 -3.53
C PRO A 260 -5.24 -17.09 -3.62
N GLY A 261 -5.86 -18.03 -4.34
CA GLY A 261 -5.31 -19.38 -4.48
C GLY A 261 -4.16 -19.49 -5.45
N ARG A 262 -3.53 -20.66 -5.46
CA ARG A 262 -2.35 -20.95 -6.29
C ARG A 262 -2.60 -20.72 -7.80
N ASP A 263 -3.85 -20.83 -8.21
CA ASP A 263 -4.25 -20.70 -9.62
C ASP A 263 -4.61 -19.26 -9.99
N LYS A 264 -4.68 -18.37 -9.00
CA LYS A 264 -5.12 -17.00 -9.23
C LYS A 264 -3.96 -16.02 -9.51
N GLY A 265 -2.87 -16.55 -10.04
CA GLY A 265 -1.71 -15.73 -10.39
C GLY A 265 -2.06 -14.63 -11.38
N LEU A 266 -1.51 -13.43 -11.13
CA LEU A 266 -1.70 -12.28 -12.00
C LEU A 266 -1.05 -12.48 -13.37
N LYS A 267 -1.65 -11.86 -14.39
CA LYS A 267 -1.03 -11.81 -15.73
C LYS A 267 -1.29 -10.49 -16.46
N ASP A 268 -0.61 -10.32 -17.60
CA ASP A 268 -0.70 -9.11 -18.41
C ASP A 268 -2.13 -8.63 -18.66
N GLU A 269 -2.32 -7.32 -18.58
CA GLU A 269 -3.60 -6.64 -18.80
C GLU A 269 -4.62 -6.74 -17.65
N ASP A 270 -4.29 -7.51 -16.60
CA ASP A 270 -5.15 -7.59 -15.40
C ASP A 270 -5.36 -6.22 -14.75
N ILE A 271 -6.43 -6.09 -13.96
CA ILE A 271 -6.74 -4.86 -13.25
C ILE A 271 -6.99 -5.19 -11.80
N VAL A 272 -6.15 -4.66 -10.91
CA VAL A 272 -6.27 -4.90 -9.48
C VAL A 272 -6.99 -3.71 -8.87
N GLU A 273 -8.03 -3.99 -8.09
CA GLU A 273 -8.80 -2.94 -7.42
C GLU A 273 -8.89 -3.21 -5.93
N ILE A 274 -8.41 -2.26 -5.13
CA ILE A 274 -8.37 -2.42 -3.69
C ILE A 274 -9.14 -1.31 -2.98
N THR A 275 -10.10 -1.69 -2.14
CA THR A 275 -10.94 -0.71 -1.45
C THR A 275 -10.75 -0.80 0.05
N ILE A 276 -10.59 0.36 0.70
CA ILE A 276 -10.63 0.45 2.17
C ILE A 276 -11.57 1.57 2.57
N SER A 277 -12.40 1.32 3.59
CA SER A 277 -13.36 2.29 4.12
C SER A 277 -12.69 3.65 4.42
N ASN A 278 -13.34 4.72 3.96
CA ASN A 278 -12.94 6.10 4.27
C ASN A 278 -11.73 6.61 3.48
N ILE A 279 -11.06 5.72 2.76
CA ILE A 279 -9.89 6.09 1.99
C ILE A 279 -10.26 6.17 0.51
N GLY A 280 -10.73 5.06 -0.05
CA GLY A 280 -11.17 5.02 -1.44
C GLY A 280 -10.87 3.70 -2.11
N THR A 281 -10.59 3.75 -3.41
CA THR A 281 -10.31 2.56 -4.19
C THR A 281 -9.08 2.76 -5.06
N LEU A 282 -8.05 1.95 -4.82
CA LEU A 282 -6.84 1.98 -5.62
C LEU A 282 -6.96 1.06 -6.83
N ILE A 283 -6.80 1.62 -8.03
CA ILE A 283 -6.89 0.87 -9.28
C ILE A 283 -5.59 0.89 -10.08
N THR A 284 -5.04 -0.27 -10.39
CA THR A 284 -3.80 -0.36 -11.15
C THR A 284 -3.89 -1.43 -12.23
N PRO A 285 -3.60 -1.05 -13.50
CA PRO A 285 -3.39 -2.09 -14.52
C PRO A 285 -2.15 -2.93 -14.22
N VAL A 286 -2.08 -4.12 -14.81
CA VAL A 286 -0.97 -5.05 -14.60
C VAL A 286 -0.20 -5.23 -15.90
N LYS A 287 1.13 -5.28 -15.78
CA LYS A 287 2.02 -5.45 -16.92
C LYS A 287 3.10 -6.50 -16.61
N LYS A 288 3.16 -7.54 -17.44
CA LYS A 288 4.16 -8.59 -17.32
C LYS A 288 5.50 -8.18 -17.95
N ARG A 289 6.57 -8.32 -17.19
CA ARG A 289 7.93 -8.01 -17.66
C ARG A 289 8.45 -9.05 -18.67
N ARG A 290 9.15 -8.56 -19.68
CA ARG A 290 9.69 -9.40 -20.76
C ARG A 290 11.18 -9.70 -20.53
N LYS A 291 11.59 -10.93 -20.83
CA LYS A 291 12.95 -11.43 -20.51
C LYS A 291 14.10 -10.72 -21.25
MG MG B . 2.56 -8.15 2.48
C4 2KT C . 5.30 -11.64 3.86
C3 2KT C . 4.23 -11.46 4.56
C2 2KT C . 3.49 -10.51 4.16
O3 2KT C . 3.85 -9.76 3.24
C 2KT C . 2.29 -10.31 4.73
OXT 2KT C . 1.90 -11.05 5.65
O 2KT C . 1.57 -9.37 4.31
#